data_5KWJ
#
_entry.id   5KWJ
#
_cell.length_a   88.474
_cell.length_b   88.479
_cell.length_c   161.950
_cell.angle_alpha   90.00
_cell.angle_beta   90.00
_cell.angle_gamma   90.00
#
_symmetry.space_group_name_H-M   'C 2 2 21'
#
loop_
_entity.id
_entity.type
_entity.pdbx_description
1 polymer 'Diacylglycerol acyltransferase/mycolyltransferase Ag85C'
2 non-polymer ~{N}-(4-aminophenyl)-2-selanyl-benzamide
3 water water
#
_entity_poly.entity_id   1
_entity_poly.type   'polypeptide(L)'
_entity_poly.pdbx_seq_one_letter_code
;MFSRPGLPVEYLQVPSASMGRDIKVQFQGGGPHAVYLLDGLRAQDDYNGWDINTPAFEEYYQSGLSVIMPVGGQSSFYTD
WYQPSQSNGQNYTYKWETFLTREMPAWLQANKGVSPTGNAAVGLSMSGGSALILAAYYPQQFPYAASLSGFLNPSEGWWP
TLIGLAMNDSGGYNANSMWGPSSDPAWKRNDPMVQIPRLVANNTRIWVYCGNGTPSDLGGDNIPAKFLEGLTLRTNQTFR
DTYAADGGRNGVFNFPPNGTHSWPYWNEQLVAMKADIQHVLNGATPPAAPAAPAALEHHHHHH
;
_entity_poly.pdbx_strand_id   A,B
#
loop_
_chem_comp.id
_chem_comp.type
_chem_comp.name
_chem_comp.formula
6Y3 non-polymer ~{N}-(4-aminophenyl)-2-selanyl-benzamide 'C13 H12 N2 O Se'
#
# COMPACT_ATOMS: atom_id res chain seq x y z
N MET A 1 0.67 26.56 -22.47
CA MET A 1 -0.08 25.37 -22.25
C MET A 1 -0.32 24.64 -23.52
N PHE A 2 0.09 23.43 -23.41
CA PHE A 2 0.10 22.35 -24.40
C PHE A 2 0.90 22.72 -25.67
N SER A 3 0.80 21.89 -26.71
CA SER A 3 1.49 22.14 -27.98
C SER A 3 0.51 22.50 -29.09
N ARG A 4 1.02 23.05 -30.19
CA ARG A 4 0.19 23.47 -31.32
C ARG A 4 -0.61 22.29 -31.85
N PRO A 5 -1.80 22.56 -32.41
CA PRO A 5 -2.62 21.44 -32.90
C PRO A 5 -1.99 20.79 -34.12
N GLY A 6 -2.34 19.54 -34.40
CA GLY A 6 -1.91 18.90 -35.63
C GLY A 6 -0.69 18.01 -35.55
N LEU A 7 -0.11 17.87 -34.36
CA LEU A 7 1.08 17.04 -34.19
C LEU A 7 0.70 15.56 -34.08
N PRO A 8 1.57 14.67 -34.55
CA PRO A 8 1.25 13.24 -34.50
C PRO A 8 1.33 12.65 -33.09
N VAL A 9 0.62 13.24 -32.14
CA VAL A 9 0.64 12.78 -30.76
C VAL A 9 -0.46 11.73 -30.51
N GLU A 10 -0.04 10.54 -30.12
CA GLU A 10 -0.95 9.42 -29.89
C GLU A 10 -1.18 9.22 -28.39
N TYR A 11 -2.42 8.89 -28.02
CA TYR A 11 -2.71 8.53 -26.63
C TYR A 11 -2.82 7.02 -26.54
N LEU A 12 -1.77 6.36 -26.06
CA LEU A 12 -1.71 4.90 -26.05
C LEU A 12 -2.16 4.32 -24.72
N GLN A 13 -2.69 3.11 -24.77
CA GLN A 13 -3.01 2.35 -23.58
C GLN A 13 -2.04 1.20 -23.52
N VAL A 14 -1.12 1.24 -22.56
CA VAL A 14 -0.08 0.23 -22.47
C VAL A 14 -0.35 -0.68 -21.28
N PRO A 15 -0.53 -1.97 -21.54
CA PRO A 15 -0.80 -2.95 -20.48
C PRO A 15 0.35 -3.05 -19.48
N SER A 16 0.01 -3.00 -18.20
CA SER A 16 1.00 -3.27 -17.15
C SER A 16 0.58 -4.49 -16.37
N ALA A 17 1.26 -5.61 -16.60
CA ALA A 17 0.91 -6.83 -15.88
C ALA A 17 1.17 -6.64 -14.40
N SER A 18 2.26 -5.96 -14.06
CA SER A 18 2.65 -5.79 -12.66
C SER A 18 1.63 -4.95 -11.88
N MET A 19 1.00 -3.98 -12.54
CA MET A 19 0.02 -3.16 -11.83
C MET A 19 -1.42 -3.55 -12.13
N GLY A 20 -1.61 -4.54 -13.01
CA GLY A 20 -2.94 -5.06 -13.29
C GLY A 20 -3.87 -4.07 -13.95
N ARG A 21 -3.31 -3.22 -14.81
CA ARG A 21 -4.10 -2.21 -15.49
C ARG A 21 -3.36 -1.66 -16.70
N ASP A 22 -4.08 -0.94 -17.55
CA ASP A 22 -3.45 -0.22 -18.64
C ASP A 22 -2.90 1.09 -18.11
N ILE A 23 -1.73 1.47 -18.63
CA ILE A 23 -1.16 2.77 -18.31
C ILE A 23 -1.26 3.64 -19.55
N LYS A 24 -1.88 4.80 -19.42
CA LYS A 24 -1.98 5.76 -20.51
C LYS A 24 -0.62 6.40 -20.78
N VAL A 25 -0.23 6.44 -22.04
CA VAL A 25 1.04 7.02 -22.45
C VAL A 25 0.84 7.93 -23.64
N GLN A 26 1.20 9.21 -23.49
CA GLN A 26 1.20 10.15 -24.61
C GLN A 26 2.50 10.01 -25.38
N PHE A 27 2.39 9.84 -26.70
CA PHE A 27 3.53 9.39 -27.49
C PHE A 27 3.61 10.12 -28.83
N GLN A 28 4.81 10.59 -29.15
CA GLN A 28 5.02 11.20 -30.46
C GLN A 28 6.21 10.49 -31.10
N GLY A 29 5.91 9.63 -32.07
CA GLY A 29 6.95 8.88 -32.75
C GLY A 29 7.79 9.82 -33.59
N GLY A 30 9.11 9.65 -33.56
CA GLY A 30 9.99 10.51 -34.32
C GLY A 30 11.40 9.98 -34.48
N GLY A 31 11.57 8.67 -34.32
CA GLY A 31 12.88 8.06 -34.36
C GLY A 31 12.96 6.89 -33.39
N PRO A 32 13.96 6.02 -33.58
CA PRO A 32 14.10 4.81 -32.76
C PRO A 32 14.46 5.10 -31.31
N HIS A 33 15.13 6.20 -31.04
CA HIS A 33 15.48 6.55 -29.65
C HIS A 33 14.55 7.64 -29.11
N ALA A 34 14.33 7.65 -27.80
CA ALA A 34 13.29 8.50 -27.25
C ALA A 34 13.71 9.26 -26.00
N VAL A 35 13.04 10.38 -25.78
CA VAL A 35 13.10 11.04 -24.49
C VAL A 35 11.88 10.65 -23.65
N TYR A 36 12.13 10.04 -22.50
CA TYR A 36 11.08 9.75 -21.53
C TYR A 36 10.89 10.99 -20.66
N LEU A 37 9.75 11.67 -20.81
CA LEU A 37 9.47 12.84 -19.97
C LEU A 37 8.62 12.46 -18.77
N LEU A 38 9.27 12.37 -17.60
CA LEU A 38 8.57 11.96 -16.40
C LEU A 38 7.95 13.16 -15.70
N ASP A 39 6.81 12.94 -15.06
CA ASP A 39 6.02 13.99 -14.44
C ASP A 39 6.47 14.29 -13.00
N GLY A 40 5.91 15.35 -12.43
CA GLY A 40 6.22 15.75 -11.07
C GLY A 40 5.35 15.07 -10.02
N LEU A 41 5.50 15.53 -8.79
CA LEU A 41 4.84 14.92 -7.64
C LEU A 41 3.31 14.82 -7.77
N ARG A 42 2.71 15.81 -8.43
CA ARG A 42 1.26 15.86 -8.50
C ARG A 42 0.71 15.36 -9.84
N ALA A 43 1.44 14.41 -10.43
CA ALA A 43 1.03 13.78 -11.68
C ALA A 43 -0.44 13.36 -11.68
N GLN A 44 -1.18 13.78 -12.70
N GLN A 44 -1.16 13.79 -12.71
CA GLN A 44 -2.59 13.44 -12.79
CA GLN A 44 -2.59 13.53 -12.90
C GLN A 44 -2.83 12.41 -13.88
C GLN A 44 -2.81 12.36 -13.84
N ASP A 45 -4.03 11.83 -13.89
CA ASP A 45 -4.34 10.68 -14.76
C ASP A 45 -4.88 11.05 -16.14
N ASP A 46 -5.05 12.35 -16.40
CA ASP A 46 -5.56 12.78 -17.71
C ASP A 46 -4.43 13.11 -18.72
N TYR A 47 -3.49 13.96 -18.31
CA TYR A 47 -2.37 14.36 -19.18
C TYR A 47 -1.11 14.44 -18.32
N ASN A 48 0.04 14.12 -18.92
CA ASN A 48 1.33 14.35 -18.30
C ASN A 48 1.57 15.85 -18.14
N GLY A 49 2.17 16.26 -17.01
CA GLY A 49 2.36 17.67 -16.72
C GLY A 49 3.26 18.40 -17.73
N TRP A 50 4.10 17.66 -18.43
CA TRP A 50 4.90 18.28 -19.49
C TRP A 50 4.01 18.75 -20.63
N ASP A 51 2.96 17.98 -20.93
CA ASP A 51 2.05 18.35 -22.00
C ASP A 51 1.17 19.52 -21.53
N ILE A 52 0.67 19.43 -20.29
CA ILE A 52 -0.22 20.47 -19.78
C ILE A 52 0.46 21.83 -19.73
N ASN A 53 1.70 21.86 -19.23
CA ASN A 53 2.34 23.13 -18.94
C ASN A 53 3.34 23.67 -19.97
N THR A 54 3.71 22.85 -20.94
CA THR A 54 4.74 23.26 -21.90
C THR A 54 4.41 22.79 -23.31
N PRO A 55 5.09 23.37 -24.31
CA PRO A 55 4.96 22.84 -25.68
C PRO A 55 6.05 21.81 -26.02
N ALA A 56 6.31 20.89 -25.11
CA ALA A 56 7.37 19.89 -25.29
C ALA A 56 7.24 19.08 -26.58
N PHE A 57 6.04 18.58 -26.88
CA PHE A 57 5.85 17.83 -28.13
C PHE A 57 6.23 18.70 -29.34
N GLU A 58 5.76 19.93 -29.32
CA GLU A 58 6.07 20.87 -30.38
C GLU A 58 7.57 21.11 -30.47
N GLU A 59 8.21 21.30 -29.31
CA GLU A 59 9.62 21.65 -29.25
C GLU A 59 10.52 20.50 -29.76
N TYR A 60 10.06 19.26 -29.63
CA TYR A 60 10.86 18.11 -30.08
C TYR A 60 10.34 17.46 -31.36
N TYR A 61 9.29 18.02 -31.93
CA TYR A 61 8.76 17.57 -33.21
C TYR A 61 9.86 17.69 -34.28
N GLN A 62 10.09 16.59 -35.00
CA GLN A 62 11.13 16.49 -36.02
C GLN A 62 12.54 16.69 -35.47
N SER A 63 12.74 16.33 -34.20
CA SER A 63 14.06 16.38 -33.56
C SER A 63 14.90 15.16 -33.90
N GLY A 64 14.27 14.17 -34.53
CA GLY A 64 14.93 12.89 -34.74
C GLY A 64 14.79 11.96 -33.53
N LEU A 65 14.01 12.40 -32.55
CA LEU A 65 13.76 11.62 -31.34
C LEU A 65 12.26 11.42 -31.11
N SER A 66 11.90 10.23 -30.64
CA SER A 66 10.54 10.02 -30.13
C SER A 66 10.39 10.68 -28.75
N VAL A 67 9.16 11.05 -28.41
CA VAL A 67 8.84 11.61 -27.10
C VAL A 67 7.81 10.72 -26.39
N ILE A 68 8.13 10.31 -25.17
CA ILE A 68 7.26 9.43 -24.39
C ILE A 68 6.87 10.12 -23.08
N MET A 69 5.57 10.35 -22.90
CA MET A 69 5.02 10.92 -21.68
C MET A 69 4.06 9.92 -21.02
N PRO A 70 4.57 9.15 -20.05
CA PRO A 70 3.64 8.29 -19.29
C PRO A 70 2.69 9.15 -18.45
N VAL A 71 1.45 8.69 -18.30
CA VAL A 71 0.44 9.46 -17.59
C VAL A 71 0.07 8.78 -16.27
N GLY A 72 0.05 9.54 -15.18
CA GLY A 72 -0.38 9.00 -13.89
C GLY A 72 0.78 8.78 -12.93
N GLY A 73 0.52 8.09 -11.82
CA GLY A 73 1.55 7.79 -10.85
C GLY A 73 1.81 8.92 -9.86
N GLN A 74 0.76 9.62 -9.46
CA GLN A 74 0.89 10.66 -8.43
C GLN A 74 1.72 10.16 -7.24
N SER A 75 2.73 10.94 -6.84
CA SER A 75 3.57 10.62 -5.70
C SER A 75 4.28 9.26 -5.78
N SER A 76 4.38 8.68 -6.97
CA SER A 76 4.92 7.31 -7.07
C SER A 76 6.46 7.25 -7.01
N PHE A 77 7.11 8.39 -7.29
CA PHE A 77 8.56 8.45 -7.50
C PHE A 77 9.02 7.47 -8.59
N TYR A 78 8.07 7.08 -9.44
CA TYR A 78 8.33 6.14 -10.53
C TYR A 78 9.14 4.94 -10.07
N THR A 79 8.79 4.39 -8.92
CA THR A 79 9.57 3.32 -8.32
C THR A 79 8.68 2.10 -8.11
N ASP A 80 9.27 0.96 -7.75
CA ASP A 80 8.49 -0.21 -7.37
C ASP A 80 8.27 -0.12 -5.87
N TRP A 81 7.02 0.02 -5.45
CA TRP A 81 6.67 0.10 -4.03
C TRP A 81 6.67 -1.30 -3.38
N TYR A 82 6.98 -1.34 -2.09
CA TYR A 82 6.79 -2.57 -1.32
C TYR A 82 5.32 -3.03 -1.35
N GLN A 83 4.40 -2.09 -1.22
CA GLN A 83 3.01 -2.44 -1.03
C GLN A 83 2.09 -1.24 -1.36
N PRO A 84 0.75 -1.45 -1.38
CA PRO A 84 -0.13 -0.31 -1.65
C PRO A 84 0.03 0.79 -0.61
N SER A 85 -0.24 2.03 -1.00
CA SER A 85 -0.26 3.11 -0.03
C SER A 85 -1.38 2.85 0.98
N GLN A 86 -1.01 2.79 2.26
CA GLN A 86 -1.94 2.33 3.30
C GLN A 86 -2.70 3.50 3.92
N SER A 87 -2.46 4.70 3.40
CA SER A 87 -3.07 5.89 3.95
C SER A 87 -4.24 6.39 3.12
N ASN A 88 -4.42 5.84 1.91
CA ASN A 88 -5.46 6.35 1.02
C ASN A 88 -6.21 5.26 0.22
N GLY A 89 -6.12 4.01 0.67
CA GLY A 89 -6.90 2.94 0.06
C GLY A 89 -6.51 2.59 -1.37
N GLN A 90 -5.27 2.85 -1.74
CA GLN A 90 -4.77 2.49 -3.06
C GLN A 90 -4.98 0.98 -3.26
N ASN A 91 -5.62 0.59 -4.35
CA ASN A 91 -6.09 -0.80 -4.47
C ASN A 91 -5.19 -1.64 -5.35
N TYR A 92 -3.93 -1.24 -5.45
CA TYR A 92 -2.89 -2.01 -6.13
C TYR A 92 -1.55 -1.49 -5.65
N THR A 93 -0.46 -2.12 -6.09
CA THR A 93 0.87 -1.70 -5.72
C THR A 93 1.55 -1.02 -6.92
N TYR A 94 2.02 0.20 -6.71
CA TYR A 94 2.82 0.91 -7.72
C TYR A 94 4.03 0.07 -8.13
N LYS A 95 4.15 -0.25 -9.41
CA LYS A 95 5.36 -0.92 -9.91
C LYS A 95 5.94 -0.15 -11.08
N TRP A 96 6.25 1.12 -10.86
CA TRP A 96 6.57 1.99 -11.98
C TRP A 96 8.00 1.79 -12.51
N GLU A 97 8.92 1.28 -11.69
CA GLU A 97 10.25 0.91 -12.23
C GLU A 97 10.11 -0.29 -13.18
N THR A 98 9.37 -1.31 -12.76
CA THR A 98 9.11 -2.45 -13.64
C THR A 98 8.44 -2.00 -14.95
N PHE A 99 7.45 -1.13 -14.84
CA PHE A 99 6.77 -0.64 -16.03
C PHE A 99 7.73 0.11 -16.95
N LEU A 100 8.53 1.01 -16.39
CA LEU A 100 9.39 1.87 -17.23
C LEU A 100 10.58 1.13 -17.85
N THR A 101 11.04 0.06 -17.20
CA THR A 101 12.26 -0.62 -17.64
C THR A 101 11.99 -1.96 -18.30
N ARG A 102 10.77 -2.48 -18.18
CA ARG A 102 10.45 -3.76 -18.80
C ARG A 102 9.21 -3.67 -19.66
N GLU A 103 8.05 -3.46 -19.02
CA GLU A 103 6.77 -3.57 -19.71
C GLU A 103 6.60 -2.52 -20.81
N MET A 104 6.83 -1.25 -20.47
CA MET A 104 6.63 -0.20 -21.48
C MET A 104 7.65 -0.27 -22.64
N PRO A 105 8.95 -0.45 -22.36
CA PRO A 105 9.83 -0.50 -23.53
C PRO A 105 9.61 -1.75 -24.39
N ALA A 106 9.24 -2.87 -23.76
CA ALA A 106 8.89 -4.07 -24.52
C ALA A 106 7.75 -3.76 -25.47
N TRP A 107 6.69 -3.15 -24.95
CA TRP A 107 5.50 -2.82 -25.76
C TRP A 107 5.80 -1.80 -26.86
N LEU A 108 6.56 -0.76 -26.52
CA LEU A 108 6.87 0.28 -27.51
C LEU A 108 7.76 -0.24 -28.63
N GLN A 109 8.64 -1.18 -28.29
CA GLN A 109 9.47 -1.80 -29.31
C GLN A 109 8.61 -2.61 -30.27
N ALA A 110 7.72 -3.43 -29.71
CA ALA A 110 6.90 -4.32 -30.52
C ALA A 110 5.82 -3.56 -31.30
N ASN A 111 5.35 -2.44 -30.78
CA ASN A 111 4.18 -1.80 -31.38
C ASN A 111 4.44 -0.46 -32.06
N LYS A 112 5.56 0.18 -31.73
CA LYS A 112 5.85 1.50 -32.28
C LYS A 112 7.28 1.62 -32.84
N GLY A 113 8.05 0.54 -32.76
CA GLY A 113 9.39 0.53 -33.31
C GLY A 113 10.39 1.40 -32.56
N VAL A 114 10.17 1.54 -31.27
CA VAL A 114 11.07 2.32 -30.42
C VAL A 114 12.08 1.39 -29.78
N SER A 115 13.36 1.73 -29.89
CA SER A 115 14.41 0.94 -29.25
C SER A 115 14.32 0.97 -27.73
N PRO A 116 14.48 -0.20 -27.09
CA PRO A 116 14.52 -0.28 -25.63
C PRO A 116 15.84 0.23 -25.05
N THR A 117 16.88 0.38 -25.87
CA THR A 117 18.14 0.91 -25.37
C THR A 117 18.47 2.26 -26.00
N GLY A 118 19.40 2.99 -25.38
CA GLY A 118 19.91 4.23 -25.94
C GLY A 118 18.95 5.42 -25.90
N ASN A 119 18.26 5.55 -24.77
CA ASN A 119 17.26 6.61 -24.59
C ASN A 119 17.66 7.59 -23.49
N ALA A 120 16.85 8.63 -23.31
CA ALA A 120 17.06 9.62 -22.26
C ALA A 120 15.89 9.68 -21.28
N ALA A 121 16.19 9.76 -19.99
CA ALA A 121 15.15 9.95 -18.97
C ALA A 121 15.27 11.37 -18.41
N VAL A 122 14.18 12.11 -18.48
CA VAL A 122 14.18 13.50 -18.03
C VAL A 122 13.05 13.67 -17.00
N GLY A 123 13.43 14.04 -15.78
CA GLY A 123 12.45 14.21 -14.72
C GLY A 123 12.58 15.55 -14.02
N LEU A 124 11.52 15.90 -13.29
CA LEU A 124 11.50 17.13 -12.51
C LEU A 124 10.84 16.84 -11.18
N SER A 125 11.18 17.63 -10.17
CA SER A 125 10.62 17.45 -8.84
C SER A 125 10.79 15.98 -8.43
N MET A 126 9.70 15.33 -8.06
CA MET A 126 9.74 13.92 -7.71
C MET A 126 10.53 13.04 -8.69
N SER A 127 10.35 13.23 -10.00
CA SER A 127 11.01 12.34 -10.94
C SER A 127 12.44 12.74 -11.33
N GLY A 128 12.94 13.85 -10.80
CA GLY A 128 14.32 14.25 -11.03
C GLY A 128 15.28 13.16 -10.56
N GLY A 129 15.16 12.76 -9.29
CA GLY A 129 15.96 11.66 -8.79
C GLY A 129 15.62 10.34 -9.49
N SER A 130 14.35 10.12 -9.79
CA SER A 130 13.93 8.91 -10.53
C SER A 130 14.77 8.75 -11.80
N ALA A 131 14.90 9.83 -12.58
CA ALA A 131 15.63 9.76 -13.84
C ALA A 131 17.07 9.31 -13.60
N LEU A 132 17.70 9.89 -12.58
CA LEU A 132 19.08 9.51 -12.27
C LEU A 132 19.17 8.06 -11.77
N ILE A 133 18.18 7.62 -11.00
CA ILE A 133 18.22 6.25 -10.48
C ILE A 133 18.03 5.25 -11.62
N LEU A 134 17.11 5.54 -12.53
CA LEU A 134 16.91 4.68 -13.70
C LEU A 134 18.19 4.54 -14.52
N ALA A 135 18.92 5.64 -14.70
CA ALA A 135 20.19 5.60 -15.42
C ALA A 135 21.23 4.80 -14.64
N ALA A 136 21.27 5.00 -13.33
CA ALA A 136 22.21 4.30 -12.46
C ALA A 136 22.08 2.78 -12.60
N TYR A 137 20.84 2.29 -12.61
CA TYR A 137 20.60 0.84 -12.59
C TYR A 137 20.34 0.25 -13.97
N TYR A 138 19.95 1.09 -14.93
CA TYR A 138 19.69 0.62 -16.29
C TYR A 138 20.42 1.46 -17.37
N PRO A 139 21.77 1.45 -17.34
CA PRO A 139 22.55 2.35 -18.20
C PRO A 139 22.41 2.06 -19.70
N GLN A 140 22.15 0.81 -20.05
CA GLN A 140 21.92 0.47 -21.45
C GLN A 140 20.63 1.14 -21.97
N GLN A 141 19.60 1.20 -21.13
CA GLN A 141 18.35 1.84 -21.51
C GLN A 141 18.48 3.37 -21.49
N PHE A 142 19.19 3.89 -20.49
CA PHE A 142 19.34 5.33 -20.28
C PHE A 142 20.80 5.78 -20.16
N PRO A 143 21.50 5.96 -21.30
CA PRO A 143 22.81 6.61 -21.24
C PRO A 143 22.75 8.11 -20.87
N TYR A 144 21.54 8.69 -20.89
CA TYR A 144 21.33 10.11 -20.61
C TYR A 144 20.25 10.28 -19.55
N ALA A 145 20.51 11.09 -18.53
CA ALA A 145 19.47 11.37 -17.53
C ALA A 145 19.52 12.83 -17.11
N ALA A 146 18.37 13.49 -17.09
CA ALA A 146 18.28 14.86 -16.60
C ALA A 146 17.41 14.91 -15.35
N SER A 147 17.89 15.64 -14.34
CA SER A 147 17.11 15.86 -13.11
C SER A 147 16.87 17.36 -12.93
N LEU A 148 15.61 17.78 -12.98
CA LEU A 148 15.31 19.20 -12.88
C LEU A 148 14.59 19.46 -11.55
N SER A 149 15.24 20.15 -10.63
CA SER A 149 14.69 20.38 -9.30
C SER A 149 14.33 19.06 -8.59
N GLY A 150 15.18 18.05 -8.75
CA GLY A 150 14.93 16.75 -8.14
C GLY A 150 15.28 16.68 -6.66
N PHE A 151 14.88 15.59 -6.01
CA PHE A 151 15.36 15.27 -4.66
C PHE A 151 16.62 14.43 -4.78
N LEU A 152 17.76 15.01 -4.47
CA LEU A 152 19.03 14.38 -4.85
C LEU A 152 19.67 13.55 -3.71
N ASN A 153 19.06 13.61 -2.52
CA ASN A 153 19.58 12.87 -1.37
C ASN A 153 18.44 12.42 -0.46
N PRO A 154 17.46 11.67 -1.01
CA PRO A 154 16.21 11.41 -0.29
C PRO A 154 16.37 10.63 1.00
N SER A 155 17.43 9.85 1.15
CA SER A 155 17.63 9.05 2.35
C SER A 155 18.26 9.84 3.50
N GLU A 156 18.75 11.03 3.24
CA GLU A 156 19.59 11.71 4.22
C GLU A 156 18.83 12.72 5.08
N GLY A 157 19.13 12.72 6.38
CA GLY A 157 18.66 13.77 7.27
C GLY A 157 17.16 13.88 7.38
N TRP A 158 16.64 15.08 7.11
CA TRP A 158 15.21 15.33 7.19
C TRP A 158 14.49 14.96 5.89
N TRP A 159 15.23 14.56 4.86
CA TRP A 159 14.58 14.36 3.56
C TRP A 159 13.51 13.25 3.58
N PRO A 160 13.76 12.11 4.27
CA PRO A 160 12.64 11.14 4.26
C PRO A 160 11.39 11.71 4.93
N THR A 161 11.55 12.50 5.98
CA THR A 161 10.39 13.13 6.61
C THR A 161 9.70 14.12 5.68
N LEU A 162 10.49 14.97 5.01
CA LEU A 162 9.96 16.01 4.13
C LEU A 162 9.26 15.41 2.93
N ILE A 163 9.84 14.34 2.38
CA ILE A 163 9.25 13.64 1.26
C ILE A 163 7.94 12.98 1.67
N GLY A 164 7.93 12.38 2.86
CA GLY A 164 6.71 11.79 3.39
C GLY A 164 5.57 12.80 3.51
N LEU A 165 5.90 14.01 3.98
CA LEU A 165 4.89 15.07 4.11
C LEU A 165 4.36 15.48 2.74
N ALA A 166 5.27 15.63 1.78
CA ALA A 166 4.89 16.02 0.42
C ALA A 166 3.99 14.97 -0.24
N MET A 167 4.36 13.71 -0.09
CA MET A 167 3.59 12.61 -0.66
C MET A 167 2.20 12.56 -0.02
N ASN A 168 2.13 12.88 1.26
CA ASN A 168 0.83 12.88 1.95
C ASN A 168 -0.05 14.03 1.46
N ASP A 169 0.56 15.19 1.24
CA ASP A 169 -0.18 16.33 0.71
C ASP A 169 -0.57 16.11 -0.76
N SER A 170 0.25 15.37 -1.49
CA SER A 170 -0.07 15.03 -2.87
C SER A 170 -0.87 13.73 -2.96
N GLY A 171 -2.14 13.78 -2.56
CA GLY A 171 -3.03 12.64 -2.73
C GLY A 171 -3.06 11.62 -1.61
N GLY A 172 -2.44 11.92 -0.47
CA GLY A 172 -2.51 11.03 0.67
C GLY A 172 -1.69 9.76 0.55
N TYR A 173 -0.56 9.83 -0.16
CA TYR A 173 0.31 8.66 -0.35
C TYR A 173 1.34 8.54 0.77
N ASN A 174 1.62 7.31 1.17
CA ASN A 174 2.40 7.03 2.36
C ASN A 174 3.80 6.52 2.00
N ALA A 175 4.84 7.29 2.36
CA ALA A 175 6.21 6.95 1.97
C ALA A 175 6.71 5.63 2.57
N ASN A 176 6.16 5.24 3.71
CA ASN A 176 6.54 3.99 4.35
C ASN A 176 6.08 2.77 3.54
N SER A 177 4.95 2.91 2.85
CA SER A 177 4.48 1.85 1.97
C SER A 177 5.41 1.71 0.74
N MET A 178 6.08 2.80 0.41
CA MET A 178 6.91 2.85 -0.79
C MET A 178 8.26 2.17 -0.57
N TRP A 179 9.07 2.76 0.32
CA TRP A 179 10.43 2.29 0.57
C TRP A 179 10.66 1.88 2.02
N GLY A 180 9.58 1.81 2.80
CA GLY A 180 9.67 1.41 4.20
C GLY A 180 10.02 2.55 5.14
N PRO A 181 10.36 2.21 6.40
CA PRO A 181 10.92 3.20 7.31
C PRO A 181 12.25 3.72 6.76
N SER A 182 12.70 4.89 7.22
CA SER A 182 13.88 5.53 6.63
C SER A 182 15.14 4.67 6.78
N SER A 183 15.10 3.66 7.66
CA SER A 183 16.25 2.80 7.89
C SER A 183 16.29 1.64 6.89
N ASP A 184 15.19 1.43 6.18
CA ASP A 184 15.12 0.40 5.16
C ASP A 184 16.14 0.68 4.04
N PRO A 185 16.81 -0.38 3.54
CA PRO A 185 17.81 -0.21 2.49
C PRO A 185 17.25 0.41 1.20
N ALA A 186 15.94 0.32 0.97
CA ALA A 186 15.32 0.89 -0.23
C ALA A 186 15.56 2.41 -0.36
N TRP A 187 15.69 3.11 0.75
CA TRP A 187 15.91 4.55 0.70
C TRP A 187 17.28 4.90 0.11
N LYS A 188 18.33 4.21 0.54
CA LYS A 188 19.67 4.44 0.00
C LYS A 188 19.81 3.89 -1.43
N ARG A 189 19.13 2.77 -1.70
CA ARG A 189 19.15 2.18 -3.03
C ARG A 189 18.66 3.20 -4.07
N ASN A 190 17.66 3.98 -3.69
CA ASN A 190 17.04 4.92 -4.61
C ASN A 190 17.49 6.36 -4.40
N ASP A 191 18.65 6.52 -3.77
CA ASP A 191 19.18 7.85 -3.45
C ASP A 191 20.27 8.21 -4.46
N PRO A 192 20.02 9.23 -5.32
CA PRO A 192 21.00 9.59 -6.34
C PRO A 192 22.40 9.89 -5.80
N MET A 193 22.47 10.60 -4.69
CA MET A 193 23.74 10.93 -4.04
C MET A 193 24.53 9.66 -3.70
N VAL A 194 23.83 8.72 -3.06
CA VAL A 194 24.40 7.43 -2.70
C VAL A 194 24.82 6.65 -3.93
N GLN A 195 24.06 6.80 -5.01
CA GLN A 195 24.35 6.06 -6.23
C GLN A 195 25.26 6.80 -7.23
N ILE A 196 25.85 7.91 -6.79
CA ILE A 196 26.80 8.64 -7.65
C ILE A 196 27.90 7.70 -8.22
N PRO A 197 28.48 6.79 -7.40
CA PRO A 197 29.49 5.90 -8.00
C PRO A 197 28.98 5.05 -9.16
N ARG A 198 27.70 4.68 -9.16
CA ARG A 198 27.12 3.99 -10.32
C ARG A 198 27.05 4.90 -11.56
N LEU A 199 26.60 6.13 -11.37
CA LEU A 199 26.56 7.11 -12.47
C LEU A 199 27.97 7.35 -13.05
N VAL A 200 28.97 7.41 -12.18
CA VAL A 200 30.34 7.60 -12.63
C VAL A 200 30.83 6.35 -13.37
N ALA A 201 30.60 5.17 -12.79
CA ALA A 201 31.05 3.91 -13.41
C ALA A 201 30.47 3.72 -14.81
N ASN A 202 29.20 4.07 -14.97
CA ASN A 202 28.52 3.92 -16.25
C ASN A 202 28.80 5.07 -17.23
N ASN A 203 29.54 6.07 -16.76
CA ASN A 203 29.71 7.33 -17.49
C ASN A 203 28.39 7.88 -18.03
N THR A 204 27.35 7.81 -17.19
CA THR A 204 26.07 8.42 -17.50
C THR A 204 26.25 9.89 -17.81
N ARG A 205 25.69 10.33 -18.93
CA ARG A 205 25.56 11.77 -19.21
C ARG A 205 24.44 12.32 -18.34
N ILE A 206 24.79 13.11 -17.33
CA ILE A 206 23.75 13.70 -16.51
C ILE A 206 23.63 15.22 -16.74
N TRP A 207 22.39 15.69 -16.64
CA TRP A 207 22.06 17.11 -16.76
C TRP A 207 21.26 17.51 -15.54
N VAL A 208 21.84 18.39 -14.71
CA VAL A 208 21.22 18.71 -13.43
C VAL A 208 20.86 20.19 -13.37
N TYR A 209 19.58 20.47 -13.12
CA TYR A 209 19.12 21.83 -12.91
C TYR A 209 18.75 22.03 -11.44
N CYS A 210 19.28 23.09 -10.84
CA CYS A 210 18.93 23.47 -9.48
C CYS A 210 18.19 24.82 -9.58
N GLY A 211 17.05 24.92 -8.89
CA GLY A 211 16.29 26.16 -8.90
C GLY A 211 16.49 26.92 -7.60
N ASN A 212 16.05 28.17 -7.60
CA ASN A 212 16.06 29.03 -6.41
C ASN A 212 14.64 29.22 -5.91
N GLY A 213 14.49 29.79 -4.72
CA GLY A 213 13.17 30.12 -4.23
C GLY A 213 12.56 28.95 -3.48
N THR A 214 11.31 29.08 -3.06
CA THR A 214 10.76 28.01 -2.24
C THR A 214 10.33 26.85 -3.12
N PRO A 215 10.78 25.64 -2.78
CA PRO A 215 10.32 24.49 -3.56
C PRO A 215 8.85 24.30 -3.24
N SER A 216 7.99 24.82 -4.11
CA SER A 216 6.56 24.86 -3.85
C SER A 216 5.97 23.47 -3.77
N ASP A 217 6.69 22.49 -4.35
CA ASP A 217 6.13 21.16 -4.49
C ASP A 217 5.73 20.59 -3.15
N LEU A 218 6.55 20.88 -2.13
CA LEU A 218 6.06 20.97 -0.76
C LEU A 218 7.13 21.31 0.25
N GLY A 219 6.72 22.09 1.25
CA GLY A 219 7.37 22.11 2.53
C GLY A 219 6.49 21.42 3.55
N GLY A 220 5.21 21.77 3.55
CA GLY A 220 4.29 21.32 4.58
C GLY A 220 4.09 22.54 5.44
N ASP A 221 2.84 22.89 5.73
CA ASP A 221 2.53 24.21 6.27
C ASP A 221 3.16 24.52 7.63
N ASN A 222 3.77 23.51 8.26
CA ASN A 222 4.53 23.76 9.48
C ASN A 222 5.88 24.40 9.19
N ILE A 223 6.41 24.14 7.99
CA ILE A 223 7.84 24.32 7.79
C ILE A 223 8.19 25.63 7.08
N PRO A 224 9.05 26.43 7.73
CA PRO A 224 9.50 27.73 7.23
C PRO A 224 10.16 27.62 5.85
N ALA A 225 9.83 28.55 4.97
CA ALA A 225 10.35 28.53 3.62
C ALA A 225 11.87 28.63 3.62
N LYS A 226 12.40 29.51 4.45
CA LYS A 226 13.84 29.70 4.58
C LYS A 226 14.56 28.39 4.92
N PHE A 227 13.97 27.60 5.81
CA PHE A 227 14.55 26.33 6.22
C PHE A 227 14.67 25.39 5.02
N LEU A 228 13.60 25.27 4.25
CA LEU A 228 13.57 24.39 3.08
C LEU A 228 14.48 24.87 1.98
N GLU A 229 14.50 26.17 1.75
CA GLU A 229 15.40 26.71 0.72
C GLU A 229 16.85 26.43 1.08
N GLY A 230 17.21 26.63 2.35
CA GLY A 230 18.57 26.37 2.80
C GLY A 230 18.98 24.92 2.63
N LEU A 231 18.08 24.02 3.00
CA LEU A 231 18.36 22.59 2.90
C LEU A 231 18.53 22.16 1.45
N THR A 232 17.66 22.67 0.58
CA THR A 232 17.70 22.37 -0.85
C THR A 232 19.03 22.83 -1.45
N LEU A 233 19.44 24.06 -1.13
CA LEU A 233 20.70 24.60 -1.64
C LEU A 233 21.89 23.72 -1.21
N ARG A 234 21.96 23.41 0.08
CA ARG A 234 23.07 22.60 0.61
C ARG A 234 23.11 21.21 0.00
N THR A 235 21.95 20.59 -0.14
CA THR A 235 21.89 19.26 -0.74
C THR A 235 22.37 19.27 -2.20
N ASN A 236 21.91 20.25 -2.98
CA ASN A 236 22.35 20.38 -4.38
C ASN A 236 23.85 20.63 -4.49
N GLN A 237 24.36 21.51 -3.64
CA GLN A 237 25.78 21.82 -3.64
C GLN A 237 26.58 20.56 -3.28
N THR A 238 26.09 19.80 -2.31
CA THR A 238 26.73 18.54 -1.94
C THR A 238 26.71 17.53 -3.09
N PHE A 239 25.59 17.44 -3.81
CA PHE A 239 25.52 16.51 -4.92
C PHE A 239 26.55 16.84 -5.99
N ARG A 240 26.60 18.10 -6.40
CA ARG A 240 27.56 18.51 -7.43
C ARG A 240 28.99 18.24 -6.97
N ASP A 241 29.30 18.62 -5.73
CA ASP A 241 30.65 18.45 -5.20
C ASP A 241 31.04 16.98 -5.07
N THR A 242 30.08 16.14 -4.67
CA THR A 242 30.35 14.72 -4.50
C THR A 242 30.51 14.02 -5.84
N TYR A 243 29.73 14.46 -6.83
CA TYR A 243 29.85 13.89 -8.18
C TYR A 243 31.28 14.11 -8.69
N ALA A 244 31.78 15.33 -8.50
CA ALA A 244 33.15 15.65 -8.94
C ALA A 244 34.18 14.88 -8.11
N ALA A 245 34.00 14.86 -6.80
CA ALA A 245 34.95 14.18 -5.90
C ALA A 245 35.01 12.67 -6.16
N ASP A 246 33.94 12.09 -6.69
CA ASP A 246 33.91 10.66 -6.97
C ASP A 246 34.36 10.29 -8.38
N GLY A 247 34.89 11.27 -9.12
CA GLY A 247 35.44 11.00 -10.43
C GLY A 247 34.49 11.27 -11.57
N GLY A 248 33.35 11.89 -11.27
CA GLY A 248 32.35 12.19 -12.28
C GLY A 248 32.83 13.31 -13.20
N ARG A 249 32.77 13.08 -14.50
CA ARG A 249 33.25 14.04 -15.47
C ARG A 249 32.28 14.22 -16.64
N ASN A 250 31.08 13.64 -16.54
CA ASN A 250 30.14 13.69 -17.66
C ASN A 250 28.84 14.41 -17.28
N GLY A 251 28.95 15.40 -16.40
CA GLY A 251 27.78 16.06 -15.85
C GLY A 251 27.68 17.55 -16.17
N VAL A 252 26.54 17.92 -16.75
CA VAL A 252 26.20 19.33 -16.97
C VAL A 252 25.34 19.85 -15.84
N PHE A 253 25.81 20.90 -15.17
CA PHE A 253 25.06 21.51 -14.08
C PHE A 253 24.63 22.93 -14.44
N ASN A 254 23.35 23.21 -14.16
CA ASN A 254 22.76 24.51 -14.46
C ASN A 254 22.15 25.14 -13.23
N PHE A 255 22.66 26.31 -12.83
CA PHE A 255 22.16 27.02 -11.66
C PHE A 255 22.00 28.51 -11.96
N PRO A 256 21.09 28.85 -12.89
CA PRO A 256 20.92 30.27 -13.24
C PRO A 256 20.41 31.08 -12.05
N PRO A 257 20.98 32.28 -11.83
CA PRO A 257 20.62 33.09 -10.66
C PRO A 257 19.13 33.39 -10.60
N ASN A 258 18.49 33.49 -11.76
CA ASN A 258 17.07 33.80 -11.82
C ASN A 258 16.13 32.57 -11.80
N GLY A 259 16.68 31.37 -11.95
CA GLY A 259 15.85 30.18 -12.08
C GLY A 259 15.01 29.84 -10.86
N THR A 260 13.76 29.45 -11.08
CA THR A 260 12.90 28.97 -9.99
C THR A 260 12.48 27.50 -10.24
N HIS A 261 11.80 26.93 -9.25
CA HIS A 261 11.23 25.58 -9.40
C HIS A 261 9.86 25.69 -10.07
N SER A 262 9.85 25.91 -11.38
CA SER A 262 8.60 26.16 -12.09
C SER A 262 8.68 25.66 -13.53
N TRP A 263 7.53 25.38 -14.11
CA TRP A 263 7.46 24.83 -15.46
C TRP A 263 8.16 25.68 -16.54
N PRO A 264 8.06 27.03 -16.46
CA PRO A 264 8.81 27.81 -17.46
C PRO A 264 10.33 27.55 -17.44
N TYR A 265 10.92 27.39 -16.28
CA TYR A 265 12.36 27.16 -16.23
C TYR A 265 12.67 25.70 -16.54
N TRP A 266 11.78 24.78 -16.16
CA TRP A 266 11.97 23.38 -16.52
C TRP A 266 11.88 23.20 -18.04
N ASN A 267 10.95 23.90 -18.68
CA ASN A 267 10.85 23.84 -20.13
C ASN A 267 12.08 24.46 -20.81
N GLU A 268 12.57 25.58 -20.26
CA GLU A 268 13.78 26.20 -20.80
C GLU A 268 14.94 25.22 -20.77
N GLN A 269 15.01 24.41 -19.71
CA GLN A 269 16.06 23.38 -19.62
C GLN A 269 15.88 22.29 -20.69
N LEU A 270 14.63 21.84 -20.85
CA LEU A 270 14.31 20.83 -21.86
C LEU A 270 14.74 21.28 -23.26
N VAL A 271 14.48 22.55 -23.58
CA VAL A 271 14.91 23.12 -24.84
C VAL A 271 16.43 23.20 -24.91
N ALA A 272 17.04 23.65 -23.82
CA ALA A 272 18.48 23.82 -23.74
C ALA A 272 19.26 22.52 -23.97
N MET A 273 18.70 21.40 -23.53
CA MET A 273 19.40 20.11 -23.61
C MET A 273 19.10 19.33 -24.90
N LYS A 274 18.24 19.87 -25.75
CA LYS A 274 17.82 19.14 -26.95
C LYS A 274 19.00 18.72 -27.85
N ALA A 275 19.88 19.65 -28.17
CA ALA A 275 21.00 19.31 -29.05
C ALA A 275 21.96 18.35 -28.35
N ASP A 276 22.11 18.52 -27.04
CA ASP A 276 22.92 17.61 -26.23
C ASP A 276 22.38 16.19 -26.37
N ILE A 277 21.09 16.02 -26.17
CA ILE A 277 20.46 14.70 -26.28
C ILE A 277 20.57 14.13 -27.71
N GLN A 278 20.31 14.98 -28.71
CA GLN A 278 20.42 14.55 -30.10
C GLN A 278 21.82 13.99 -30.35
N HIS A 279 22.84 14.67 -29.83
CA HIS A 279 24.20 14.19 -30.03
C HIS A 279 24.49 12.89 -29.30
N VAL A 280 24.10 12.79 -28.04
CA VAL A 280 24.42 11.60 -27.27
C VAL A 280 23.65 10.38 -27.79
N LEU A 281 22.37 10.54 -28.12
CA LEU A 281 21.59 9.38 -28.52
C LEU A 281 21.72 9.06 -30.01
N ASN A 282 21.78 10.07 -30.87
CA ASN A 282 21.78 9.86 -32.33
C ASN A 282 23.13 10.10 -33.02
N GLY A 283 24.11 10.62 -32.29
CA GLY A 283 25.44 10.83 -32.85
C GLY A 283 25.68 12.20 -33.45
N MET B 1 -9.24 1.62 28.64
CA MET B 1 -10.44 0.85 28.75
C MET B 1 -11.65 1.66 28.49
N PHE B 2 -12.35 1.11 27.57
CA PHE B 2 -13.63 1.56 26.97
C PHE B 2 -13.49 2.94 26.29
N SER B 3 -14.62 3.53 25.88
CA SER B 3 -14.61 4.85 25.24
C SER B 3 -15.27 5.93 26.13
N ARG B 4 -15.07 7.20 25.77
CA ARG B 4 -15.60 8.31 26.57
C ARG B 4 -17.11 8.20 26.68
N PRO B 5 -17.66 8.66 27.80
CA PRO B 5 -19.12 8.58 27.92
C PRO B 5 -19.81 9.53 26.96
N GLY B 6 -21.06 9.23 26.60
CA GLY B 6 -21.85 10.14 25.78
C GLY B 6 -21.99 9.75 24.32
N LEU B 7 -21.34 8.67 23.90
CA LEU B 7 -21.37 8.25 22.49
C LEU B 7 -22.66 7.51 22.17
N PRO B 8 -23.16 7.64 20.93
CA PRO B 8 -24.40 6.96 20.53
C PRO B 8 -24.21 5.45 20.36
N VAL B 9 -23.74 4.79 21.40
CA VAL B 9 -23.54 3.34 21.36
C VAL B 9 -24.78 2.60 21.87
N GLU B 10 -25.36 1.76 21.02
CA GLU B 10 -26.55 1.00 21.35
C GLU B 10 -26.19 -0.45 21.62
N TYR B 11 -26.84 -1.04 22.62
CA TYR B 11 -26.68 -2.48 22.86
C TYR B 11 -27.89 -3.18 22.27
N LEU B 12 -27.72 -3.78 21.10
CA LEU B 12 -28.83 -4.41 20.38
C LEU B 12 -28.94 -5.91 20.66
N GLN B 13 -30.16 -6.42 20.56
CA GLN B 13 -30.40 -7.85 20.63
C GLN B 13 -30.86 -8.31 19.26
N VAL B 14 -29.97 -9.01 18.56
CA VAL B 14 -30.26 -9.44 17.20
C VAL B 14 -30.59 -10.92 17.19
N PRO B 15 -31.80 -11.28 16.74
CA PRO B 15 -32.21 -12.68 16.71
C PRO B 15 -31.39 -13.50 15.73
N SER B 16 -30.97 -14.68 16.17
CA SER B 16 -30.31 -15.64 15.29
C SER B 16 -31.16 -16.88 15.20
N ALA B 17 -31.83 -17.09 14.07
CA ALA B 17 -32.65 -18.28 13.90
C ALA B 17 -31.76 -19.52 13.91
N SER B 18 -30.57 -19.42 13.33
CA SER B 18 -29.68 -20.56 13.21
C SER B 18 -29.16 -21.01 14.57
N MET B 19 -28.98 -20.09 15.50
CA MET B 19 -28.50 -20.46 16.82
C MET B 19 -29.60 -20.50 17.88
N GLY B 20 -30.82 -20.14 17.48
CA GLY B 20 -31.98 -20.23 18.36
C GLY B 20 -31.88 -19.32 19.56
N ARG B 21 -31.31 -18.14 19.37
CA ARG B 21 -31.17 -17.17 20.45
C ARG B 21 -30.88 -15.77 19.91
N ASP B 22 -31.02 -14.77 20.77
CA ASP B 22 -30.62 -13.41 20.43
C ASP B 22 -29.11 -13.29 20.59
N ILE B 23 -28.47 -12.56 19.67
CA ILE B 23 -27.07 -12.27 19.81
C ILE B 23 -26.93 -10.80 20.17
N LYS B 24 -26.22 -10.52 21.26
CA LYS B 24 -25.98 -9.13 21.66
C LYS B 24 -24.97 -8.49 20.70
N VAL B 25 -25.27 -7.29 20.24
CA VAL B 25 -24.38 -6.54 19.34
C VAL B 25 -24.23 -5.09 19.80
N GLN B 26 -22.99 -4.67 20.08
CA GLN B 26 -22.73 -3.27 20.40
C GLN B 26 -22.57 -2.50 19.10
N PHE B 27 -23.32 -1.40 18.96
CA PHE B 27 -23.46 -0.73 17.66
C PHE B 27 -23.40 0.79 17.78
N GLN B 28 -22.61 1.39 16.90
CA GLN B 28 -22.56 2.85 16.83
C GLN B 28 -22.85 3.24 15.39
N GLY B 29 -24.03 3.78 15.14
CA GLY B 29 -24.42 4.17 13.80
C GLY B 29 -23.64 5.40 13.39
N GLY B 30 -23.18 5.43 12.15
CA GLY B 30 -22.41 6.57 11.68
C GLY B 30 -22.20 6.61 10.17
N GLY B 31 -23.07 5.94 9.43
CA GLY B 31 -22.93 5.85 8.00
C GLY B 31 -23.42 4.50 7.52
N PRO B 32 -23.72 4.39 6.22
CA PRO B 32 -24.31 3.15 5.69
C PRO B 32 -23.32 1.99 5.65
N HIS B 33 -22.03 2.27 5.58
CA HIS B 33 -21.03 1.19 5.61
C HIS B 33 -20.40 1.06 6.99
N ALA B 34 -19.96 -0.14 7.32
CA ALA B 34 -19.55 -0.41 8.69
C ALA B 34 -18.23 -1.17 8.80
N VAL B 35 -17.57 -0.97 9.93
CA VAL B 35 -16.48 -1.84 10.31
C VAL B 35 -17.01 -2.87 11.30
N TYR B 36 -16.89 -4.15 10.94
CA TYR B 36 -17.21 -5.25 11.85
C TYR B 36 -15.99 -5.53 12.73
N LEU B 37 -16.08 -5.25 14.03
CA LEU B 37 -14.93 -5.52 14.90
C LEU B 37 -15.12 -6.84 15.62
N LEU B 38 -14.41 -7.87 15.16
CA LEU B 38 -14.55 -9.21 15.70
C LEU B 38 -13.62 -9.41 16.88
N ASP B 39 -14.08 -10.18 17.86
CA ASP B 39 -13.36 -10.37 19.13
C ASP B 39 -12.30 -11.48 19.02
N GLY B 40 -11.49 -11.61 20.06
CA GLY B 40 -10.49 -12.67 20.12
C GLY B 40 -10.99 -13.98 20.71
N LEU B 41 -10.05 -14.89 20.93
CA LEU B 41 -10.37 -16.24 21.38
C LEU B 41 -11.21 -16.31 22.66
N ARG B 42 -11.00 -15.36 23.56
CA ARG B 42 -11.65 -15.40 24.88
C ARG B 42 -12.86 -14.47 24.96
N ALA B 43 -13.50 -14.26 23.82
CA ALA B 43 -14.69 -13.42 23.72
C ALA B 43 -15.71 -13.74 24.83
N GLN B 44 -16.14 -12.72 25.55
N GLN B 44 -16.12 -12.69 25.54
CA GLN B 44 -17.08 -12.95 26.63
CA GLN B 44 -17.06 -12.80 26.66
C GLN B 44 -18.46 -12.38 26.25
C GLN B 44 -18.48 -12.46 26.19
N ASP B 45 -19.47 -12.72 27.04
CA ASP B 45 -20.88 -12.47 26.69
C ASP B 45 -21.39 -11.11 27.17
N ASP B 46 -20.57 -10.38 27.92
CA ASP B 46 -21.00 -9.06 28.39
C ASP B 46 -20.62 -7.92 27.42
N TYR B 47 -19.35 -7.85 27.02
CA TYR B 47 -18.89 -6.80 26.09
C TYR B 47 -17.89 -7.39 25.13
N ASN B 48 -17.85 -6.86 23.92
CA ASN B 48 -16.81 -7.18 22.95
C ASN B 48 -15.46 -6.68 23.47
N GLY B 49 -14.41 -7.47 23.28
CA GLY B 49 -13.08 -7.10 23.76
C GLY B 49 -12.52 -5.81 23.19
N TRP B 50 -12.96 -5.42 22.00
CA TRP B 50 -12.55 -4.12 21.45
C TRP B 50 -13.06 -2.98 22.31
N ASP B 51 -14.28 -3.13 22.82
CA ASP B 51 -14.84 -2.11 23.68
C ASP B 51 -14.13 -2.14 25.03
N ILE B 52 -13.96 -3.32 25.60
CA ILE B 52 -13.33 -3.42 26.92
C ILE B 52 -11.92 -2.86 26.93
N ASN B 53 -11.12 -3.21 25.94
CA ASN B 53 -9.70 -2.88 26.01
C ASN B 53 -9.24 -1.62 25.23
N THR B 54 -10.14 -1.03 24.45
CA THR B 54 -9.73 0.10 23.60
C THR B 54 -10.83 1.15 23.52
N PRO B 55 -10.47 2.39 23.09
CA PRO B 55 -11.49 3.39 22.80
C PRO B 55 -11.91 3.36 21.31
N ALA B 56 -12.12 2.16 20.77
CA ALA B 56 -12.52 2.00 19.36
C ALA B 56 -13.74 2.83 18.95
N PHE B 57 -14.83 2.77 19.73
CA PHE B 57 -16.02 3.55 19.39
C PHE B 57 -15.68 5.05 19.29
N GLU B 58 -14.92 5.53 20.26
CA GLU B 58 -14.49 6.91 20.29
C GLU B 58 -13.60 7.23 19.08
N GLU B 59 -12.69 6.31 18.74
CA GLU B 59 -11.73 6.56 17.67
C GLU B 59 -12.40 6.62 16.30
N TYR B 60 -13.55 5.96 16.15
CA TYR B 60 -14.28 5.96 14.87
C TYR B 60 -15.57 6.80 14.89
N TYR B 61 -15.83 7.47 16.01
CA TYR B 61 -16.97 8.37 16.11
C TYR B 61 -16.82 9.49 15.08
N GLN B 62 -17.89 9.73 14.30
CA GLN B 62 -17.89 10.72 13.22
C GLN B 62 -16.85 10.43 12.13
N SER B 63 -16.54 9.15 11.93
CA SER B 63 -15.63 8.71 10.87
C SER B 63 -16.35 8.57 9.53
N GLY B 64 -17.68 8.65 9.55
CA GLY B 64 -18.47 8.35 8.36
C GLY B 64 -18.72 6.87 8.19
N LEU B 65 -18.31 6.09 9.18
CA LEU B 65 -18.55 4.65 9.20
C LEU B 65 -19.30 4.22 10.45
N SER B 66 -20.22 3.27 10.29
CA SER B 66 -20.80 2.59 11.44
C SER B 66 -19.78 1.61 12.02
N VAL B 67 -19.93 1.33 13.32
CA VAL B 67 -19.10 0.34 14.02
C VAL B 67 -20.01 -0.77 14.61
N ILE B 68 -19.68 -2.01 14.29
CA ILE B 68 -20.45 -3.16 14.75
C ILE B 68 -19.54 -4.08 15.57
N MET B 69 -19.91 -4.28 16.83
CA MET B 69 -19.19 -5.19 17.72
C MET B 69 -20.10 -6.31 18.19
N PRO B 70 -20.08 -7.45 17.51
CA PRO B 70 -20.89 -8.57 18.03
C PRO B 70 -20.31 -9.07 19.34
N VAL B 71 -21.18 -9.55 20.23
CA VAL B 71 -20.78 -9.97 21.58
C VAL B 71 -20.95 -11.48 21.74
N GLY B 72 -19.91 -12.15 22.22
CA GLY B 72 -20.00 -13.58 22.49
C GLY B 72 -19.22 -14.44 21.50
N GLY B 73 -19.47 -15.75 21.52
CA GLY B 73 -18.81 -16.67 20.60
C GLY B 73 -17.39 -17.05 21.01
N GLN B 74 -17.17 -17.20 22.32
CA GLN B 74 -15.88 -17.71 22.80
C GLN B 74 -15.38 -18.92 22.00
N SER B 75 -14.13 -18.85 21.52
CA SER B 75 -13.50 -19.93 20.78
C SER B 75 -14.25 -20.37 19.53
N SER B 76 -15.14 -19.52 19.00
CA SER B 76 -16.02 -19.94 17.91
C SER B 76 -15.36 -19.86 16.54
N PHE B 77 -14.28 -19.08 16.45
CA PHE B 77 -13.63 -18.73 15.18
C PHE B 77 -14.63 -18.10 14.20
N TYR B 78 -15.73 -17.59 14.75
CA TYR B 78 -16.80 -16.99 13.96
C TYR B 78 -17.17 -17.83 12.75
N THR B 79 -17.29 -19.13 12.96
CA THR B 79 -17.53 -20.04 11.85
C THR B 79 -18.82 -20.82 12.09
N ASP B 80 -19.28 -21.56 11.08
CA ASP B 80 -20.40 -22.47 11.26
C ASP B 80 -19.83 -23.82 11.66
N TRP B 81 -20.13 -24.26 12.88
CA TRP B 81 -19.66 -25.54 13.39
C TRP B 81 -20.48 -26.70 12.83
N TYR B 82 -19.85 -27.86 12.69
CA TYR B 82 -20.58 -29.08 12.40
C TYR B 82 -21.64 -29.41 13.46
N GLN B 83 -21.25 -29.21 14.72
CA GLN B 83 -22.11 -29.64 15.84
C GLN B 83 -21.72 -28.92 17.14
N PRO B 84 -22.51 -29.12 18.23
CA PRO B 84 -22.13 -28.48 19.50
C PRO B 84 -20.78 -28.96 20.00
N SER B 85 -20.08 -28.11 20.76
CA SER B 85 -18.84 -28.54 21.39
C SER B 85 -19.17 -29.68 22.36
N GLN B 86 -18.51 -30.82 22.16
CA GLN B 86 -18.87 -32.03 22.89
C GLN B 86 -18.05 -32.19 24.15
N SER B 87 -17.22 -31.19 24.44
CA SER B 87 -16.34 -31.24 25.59
C SER B 87 -16.86 -30.41 26.75
N ASN B 88 -17.84 -29.54 26.50
CA ASN B 88 -18.28 -28.63 27.55
C ASN B 88 -19.80 -28.43 27.63
N GLY B 89 -20.56 -29.36 27.07
CA GLY B 89 -22.00 -29.31 27.17
C GLY B 89 -22.70 -28.16 26.46
N GLN B 90 -22.07 -27.61 25.43
CA GLN B 90 -22.68 -26.52 24.67
C GLN B 90 -24.05 -26.98 24.14
N ASN B 91 -25.09 -26.21 24.40
CA ASN B 91 -26.45 -26.73 24.19
C ASN B 91 -27.08 -26.19 22.91
N TYR B 92 -26.22 -25.81 21.97
CA TYR B 92 -26.62 -25.42 20.62
C TYR B 92 -25.37 -25.49 19.73
N THR B 93 -25.55 -25.27 18.43
CA THR B 93 -24.45 -25.31 17.49
C THR B 93 -24.08 -23.88 17.06
N TYR B 94 -22.81 -23.51 17.23
CA TYR B 94 -22.31 -22.22 16.74
C TYR B 94 -22.60 -22.08 15.25
N LYS B 95 -23.30 -21.03 14.84
CA LYS B 95 -23.48 -20.76 13.41
C LYS B 95 -23.10 -19.32 13.11
N TRP B 96 -21.86 -18.97 13.41
CA TRP B 96 -21.49 -17.55 13.40
C TRP B 96 -21.19 -17.02 11.99
N GLU B 97 -20.86 -17.89 11.04
CA GLU B 97 -20.73 -17.43 9.65
C GLU B 97 -22.12 -17.10 9.10
N THR B 98 -23.09 -17.98 9.35
CA THR B 98 -24.46 -17.68 8.95
C THR B 98 -24.97 -16.38 9.60
N PHE B 99 -24.69 -16.20 10.89
CA PHE B 99 -25.10 -14.99 11.57
C PHE B 99 -24.46 -13.75 10.93
N LEU B 100 -23.15 -13.80 10.69
CA LEU B 100 -22.44 -12.60 10.23
C LEU B 100 -22.73 -12.24 8.77
N THR B 101 -23.10 -13.24 7.97
CA THR B 101 -23.22 -13.01 6.53
C THR B 101 -24.68 -12.97 6.07
N ARG B 102 -25.60 -13.42 6.92
CA ARG B 102 -27.01 -13.44 6.55
C ARG B 102 -27.87 -12.75 7.59
N GLU B 103 -27.94 -13.33 8.79
CA GLU B 103 -28.90 -12.88 9.80
C GLU B 103 -28.63 -11.47 10.29
N MET B 104 -27.39 -11.20 10.70
CA MET B 104 -27.09 -9.88 11.24
C MET B 104 -27.16 -8.78 10.18
N PRO B 105 -26.57 -8.99 8.98
CA PRO B 105 -26.67 -7.84 8.08
C PRO B 105 -28.10 -7.61 7.57
N ALA B 106 -28.89 -8.68 7.46
CA ALA B 106 -30.30 -8.53 7.12
C ALA B 106 -30.98 -7.64 8.15
N TRP B 107 -30.79 -7.96 9.43
CA TRP B 107 -31.41 -7.20 10.53
C TRP B 107 -30.93 -5.75 10.61
N LEU B 108 -29.62 -5.56 10.41
CA LEU B 108 -29.06 -4.22 10.52
C LEU B 108 -29.51 -3.35 9.35
N GLN B 109 -29.71 -3.97 8.19
CA GLN B 109 -30.24 -3.24 7.04
C GLN B 109 -31.68 -2.79 7.32
N ALA B 110 -32.49 -3.71 7.82
CA ALA B 110 -33.90 -3.42 8.04
C ALA B 110 -34.13 -2.48 9.22
N ASN B 111 -33.25 -2.53 10.22
CA ASN B 111 -33.53 -1.84 11.47
C ASN B 111 -32.64 -0.65 11.77
N LYS B 112 -31.48 -0.57 11.11
CA LYS B 112 -30.54 0.50 11.40
C LYS B 112 -30.01 1.18 10.13
N GLY B 113 -30.53 0.76 8.98
CA GLY B 113 -30.13 1.37 7.71
C GLY B 113 -28.67 1.15 7.35
N VAL B 114 -28.11 0.04 7.79
CA VAL B 114 -26.74 -0.30 7.45
C VAL B 114 -26.72 -1.15 6.19
N SER B 115 -25.89 -0.78 5.22
CA SER B 115 -25.74 -1.56 4.00
C SER B 115 -25.14 -2.94 4.27
N PRO B 116 -25.74 -4.00 3.66
CA PRO B 116 -25.21 -5.36 3.76
C PRO B 116 -23.95 -5.56 2.91
N THR B 117 -23.65 -4.64 1.99
CA THR B 117 -22.45 -4.80 1.18
C THR B 117 -21.49 -3.65 1.43
N GLY B 118 -20.23 -3.84 1.04
CA GLY B 118 -19.24 -2.76 1.06
C GLY B 118 -18.76 -2.40 2.45
N ASN B 119 -18.54 -3.42 3.28
CA ASN B 119 -18.08 -3.24 4.65
C ASN B 119 -16.66 -3.78 4.87
N ALA B 120 -16.15 -3.60 6.08
CA ALA B 120 -14.83 -4.09 6.45
C ALA B 120 -14.93 -5.08 7.61
N ALA B 121 -14.17 -6.17 7.54
CA ALA B 121 -14.09 -7.11 8.66
C ALA B 121 -12.70 -7.00 9.29
N VAL B 122 -12.67 -6.72 10.58
CA VAL B 122 -11.40 -6.57 11.29
C VAL B 122 -11.36 -7.54 12.47
N GLY B 123 -10.41 -8.47 12.45
CA GLY B 123 -10.32 -9.45 13.51
C GLY B 123 -8.92 -9.52 14.11
N LEU B 124 -8.83 -10.11 15.29
CA LEU B 124 -7.56 -10.32 15.96
C LEU B 124 -7.54 -11.70 16.59
N SER B 125 -6.35 -12.23 16.79
CA SER B 125 -6.20 -13.57 17.32
C SER B 125 -7.09 -14.52 16.52
N MET B 126 -7.97 -15.22 17.22
CA MET B 126 -8.90 -16.14 16.59
C MET B 126 -9.64 -15.58 15.37
N SER B 127 -10.11 -14.33 15.46
CA SER B 127 -10.91 -13.78 14.36
C SER B 127 -10.09 -13.11 13.24
N GLY B 128 -8.77 -13.06 13.40
CA GLY B 128 -7.89 -12.56 12.35
C GLY B 128 -8.11 -13.34 11.05
N GLY B 129 -7.94 -14.66 11.11
CA GLY B 129 -8.21 -15.49 9.96
C GLY B 129 -9.70 -15.46 9.57
N SER B 130 -10.58 -15.39 10.56
CA SER B 130 -12.02 -15.27 10.30
C SER B 130 -12.30 -14.12 9.34
N ALA B 131 -11.70 -12.96 9.60
CA ALA B 131 -11.95 -11.78 8.80
C ALA B 131 -11.54 -12.03 7.34
N LEU B 132 -10.39 -12.66 7.17
CA LEU B 132 -9.89 -12.96 5.82
C LEU B 132 -10.78 -14.00 5.11
N ILE B 133 -11.28 -14.98 5.86
CA ILE B 133 -12.11 -16.02 5.26
C ILE B 133 -13.45 -15.43 4.85
N LEU B 134 -14.03 -14.56 5.68
CA LEU B 134 -15.28 -13.89 5.33
C LEU B 134 -15.14 -13.08 4.05
N ALA B 135 -14.02 -12.38 3.90
CA ALA B 135 -13.75 -11.65 2.67
C ALA B 135 -13.54 -12.59 1.49
N ALA B 136 -12.83 -13.69 1.73
CA ALA B 136 -12.58 -14.69 0.68
C ALA B 136 -13.88 -15.21 0.09
N TYR B 137 -14.87 -15.49 0.94
CA TYR B 137 -16.11 -16.13 0.47
C TYR B 137 -17.26 -15.15 0.27
N TYR B 138 -17.19 -13.98 0.90
CA TYR B 138 -18.26 -12.98 0.75
C TYR B 138 -17.69 -11.60 0.34
N PRO B 139 -17.08 -11.53 -0.86
CA PRO B 139 -16.37 -10.31 -1.24
C PRO B 139 -17.28 -9.10 -1.43
N GLN B 140 -18.55 -9.32 -1.77
CA GLN B 140 -19.50 -8.21 -1.90
C GLN B 140 -19.74 -7.54 -0.55
N GLN B 141 -19.84 -8.37 0.49
CA GLN B 141 -20.04 -7.88 1.85
C GLN B 141 -18.75 -7.25 2.41
N PHE B 142 -17.62 -7.89 2.14
CA PHE B 142 -16.33 -7.44 2.70
C PHE B 142 -15.25 -7.24 1.64
N PRO B 143 -15.24 -6.08 0.97
CA PRO B 143 -14.10 -5.71 0.11
C PRO B 143 -12.81 -5.43 0.92
N TYR B 144 -12.94 -5.24 2.23
CA TYR B 144 -11.82 -4.95 3.12
C TYR B 144 -11.75 -5.94 4.28
N ALA B 145 -10.59 -6.54 4.53
CA ALA B 145 -10.42 -7.40 5.70
C ALA B 145 -9.07 -7.16 6.38
N ALA B 146 -9.08 -7.03 7.70
CA ALA B 146 -7.84 -6.94 8.46
C ALA B 146 -7.69 -8.12 9.41
N SER B 147 -6.49 -8.68 9.44
CA SER B 147 -6.16 -9.77 10.37
C SER B 147 -5.03 -9.32 11.30
N LEU B 148 -5.31 -9.22 12.59
CA LEU B 148 -4.29 -8.74 13.53
C LEU B 148 -3.87 -9.90 14.43
N SER B 149 -2.65 -10.38 14.27
CA SER B 149 -2.19 -11.56 15.02
C SER B 149 -3.10 -12.77 14.82
N GLY B 150 -3.57 -12.98 13.58
CA GLY B 150 -4.45 -14.10 13.30
C GLY B 150 -3.72 -15.42 13.10
N PHE B 151 -4.48 -16.52 13.05
CA PHE B 151 -3.94 -17.82 12.62
C PHE B 151 -4.08 -17.94 11.11
N LEU B 152 -2.98 -17.83 10.40
CA LEU B 152 -3.04 -17.66 8.95
C LEU B 152 -2.93 -18.97 8.16
N ASN B 153 -2.64 -20.07 8.85
CA ASN B 153 -2.49 -21.39 8.20
C ASN B 153 -3.01 -22.50 9.12
N PRO B 154 -4.28 -22.41 9.54
CA PRO B 154 -4.80 -23.27 10.61
C PRO B 154 -4.80 -24.76 10.28
N SER B 155 -4.86 -25.13 9.00
CA SER B 155 -4.94 -26.53 8.61
C SER B 155 -3.55 -27.21 8.52
N GLU B 156 -2.49 -26.42 8.66
CA GLU B 156 -1.17 -26.95 8.35
C GLU B 156 -0.36 -27.35 9.59
N GLY B 157 0.33 -28.49 9.47
CA GLY B 157 1.30 -28.92 10.47
C GLY B 157 0.72 -29.08 11.86
N TRP B 158 1.31 -28.37 12.82
CA TRP B 158 0.88 -28.46 14.21
C TRP B 158 -0.28 -27.52 14.53
N TRP B 159 -0.65 -26.65 13.58
CA TRP B 159 -1.67 -25.65 13.91
C TRP B 159 -3.02 -26.24 14.34
N PRO B 160 -3.51 -27.32 13.68
CA PRO B 160 -4.79 -27.83 14.20
C PRO B 160 -4.68 -28.33 15.64
N THR B 161 -3.55 -28.95 16.01
CA THR B 161 -3.35 -29.38 17.39
C THR B 161 -3.27 -28.18 18.34
N LEU B 162 -2.49 -27.19 17.95
CA LEU B 162 -2.29 -25.98 18.75
C LEU B 162 -3.58 -25.19 18.91
N ILE B 163 -4.37 -25.11 17.85
CA ILE B 163 -5.66 -24.41 17.91
C ILE B 163 -6.62 -25.16 18.83
N GLY B 164 -6.59 -26.49 18.73
CA GLY B 164 -7.42 -27.31 19.60
C GLY B 164 -7.08 -27.12 21.08
N LEU B 165 -5.78 -27.01 21.38
CA LEU B 165 -5.35 -26.76 22.75
C LEU B 165 -5.85 -25.40 23.24
N ALA B 166 -5.70 -24.38 22.40
CA ALA B 166 -6.12 -23.04 22.78
C ALA B 166 -7.63 -22.98 23.01
N MET B 167 -8.41 -23.64 22.15
CA MET B 167 -9.85 -23.64 22.28
C MET B 167 -10.29 -24.39 23.55
N ASN B 168 -9.56 -25.45 23.90
CA ASN B 168 -9.87 -26.17 25.13
C ASN B 168 -9.57 -25.33 26.36
N ASP B 169 -8.47 -24.56 26.30
CA ASP B 169 -8.11 -23.67 27.40
C ASP B 169 -9.09 -22.49 27.51
N SER B 170 -9.62 -22.06 26.36
CA SER B 170 -10.59 -20.98 26.34
C SER B 170 -12.04 -21.52 26.41
N GLY B 171 -12.45 -21.97 27.59
CA GLY B 171 -13.84 -22.39 27.80
C GLY B 171 -14.18 -23.84 27.50
N GLY B 172 -13.16 -24.66 27.25
CA GLY B 172 -13.37 -26.08 27.03
C GLY B 172 -14.04 -26.42 25.71
N TYR B 173 -13.77 -25.62 24.68
CA TYR B 173 -14.37 -25.86 23.36
C TYR B 173 -13.54 -26.85 22.56
N ASN B 174 -14.21 -27.69 21.78
CA ASN B 174 -13.59 -28.82 21.09
C ASN B 174 -13.49 -28.57 19.58
N ALA B 175 -12.27 -28.49 19.07
CA ALA B 175 -12.05 -28.16 17.65
C ALA B 175 -12.60 -29.21 16.68
N ASN B 176 -12.68 -30.47 17.12
CA ASN B 176 -13.23 -31.52 16.27
C ASN B 176 -14.72 -31.33 16.04
N SER B 177 -15.41 -30.75 17.01
CA SER B 177 -16.82 -30.40 16.85
C SER B 177 -16.99 -29.28 15.82
N MET B 178 -15.95 -28.45 15.68
CA MET B 178 -16.03 -27.27 14.84
C MET B 178 -15.86 -27.61 13.36
N TRP B 179 -14.67 -28.10 13.02
CA TRP B 179 -14.30 -28.41 11.64
C TRP B 179 -13.92 -29.87 11.43
N GLY B 180 -14.15 -30.70 12.45
CA GLY B 180 -13.82 -32.12 12.35
C GLY B 180 -12.38 -32.47 12.67
N PRO B 181 -11.99 -33.71 12.36
CA PRO B 181 -10.56 -34.07 12.41
C PRO B 181 -9.76 -33.22 11.44
N SER B 182 -8.46 -33.11 11.64
CA SER B 182 -7.65 -32.20 10.82
C SER B 182 -7.66 -32.60 9.35
N SER B 183 -8.10 -33.81 9.04
CA SER B 183 -8.13 -34.27 7.65
C SER B 183 -9.41 -33.85 6.95
N ASP B 184 -10.38 -33.37 7.72
CA ASP B 184 -11.65 -32.89 7.18
C ASP B 184 -11.44 -31.68 6.26
N PRO B 185 -12.18 -31.61 5.14
CA PRO B 185 -12.07 -30.50 4.21
C PRO B 185 -12.37 -29.12 4.85
N ALA B 186 -13.13 -29.10 5.94
CA ALA B 186 -13.46 -27.83 6.60
C ALA B 186 -12.21 -27.05 7.05
N TRP B 187 -11.14 -27.75 7.43
CA TRP B 187 -9.93 -27.05 7.88
C TRP B 187 -9.26 -26.25 6.76
N LYS B 188 -9.14 -26.85 5.57
CA LYS B 188 -8.56 -26.14 4.43
C LYS B 188 -9.52 -25.08 3.89
N ARG B 189 -10.82 -25.37 3.96
CA ARG B 189 -11.83 -24.42 3.50
C ARG B 189 -11.68 -23.09 4.26
N ASN B 190 -11.34 -23.18 5.54
CA ASN B 190 -11.29 -22.01 6.40
C ASN B 190 -9.87 -21.55 6.71
N ASP B 191 -8.93 -21.91 5.83
CA ASP B 191 -7.52 -21.60 6.00
C ASP B 191 -7.15 -20.41 5.07
N PRO B 192 -6.82 -19.25 5.66
CA PRO B 192 -6.49 -18.07 4.83
C PRO B 192 -5.38 -18.33 3.80
N MET B 193 -4.33 -19.04 4.21
CA MET B 193 -3.22 -19.38 3.31
C MET B 193 -3.72 -20.14 2.10
N VAL B 194 -4.57 -21.13 2.35
CA VAL B 194 -5.14 -21.96 1.31
C VAL B 194 -6.07 -21.12 0.43
N GLN B 195 -6.74 -20.14 1.04
CA GLN B 195 -7.68 -19.33 0.30
C GLN B 195 -7.08 -18.05 -0.28
N ILE B 196 -5.75 -17.93 -0.22
CA ILE B 196 -5.08 -16.78 -0.84
C ILE B 196 -5.53 -16.56 -2.30
N PRO B 197 -5.64 -17.63 -3.11
CA PRO B 197 -6.11 -17.39 -4.49
C PRO B 197 -7.50 -16.74 -4.56
N ARG B 198 -8.38 -16.98 -3.59
CA ARG B 198 -9.66 -16.28 -3.54
C ARG B 198 -9.50 -14.79 -3.24
N LEU B 199 -8.66 -14.47 -2.25
CA LEU B 199 -8.38 -13.08 -1.91
C LEU B 199 -7.78 -12.31 -3.11
N VAL B 200 -6.90 -12.98 -3.85
CA VAL B 200 -6.29 -12.37 -5.03
C VAL B 200 -7.34 -12.17 -6.12
N ALA B 201 -8.14 -13.20 -6.41
CA ALA B 201 -9.18 -13.10 -7.42
C ALA B 201 -10.21 -12.01 -7.14
N ASN B 202 -10.56 -11.84 -5.87
CA ASN B 202 -11.53 -10.82 -5.49
C ASN B 202 -10.90 -9.44 -5.34
N ASN B 203 -9.58 -9.37 -5.48
CA ASN B 203 -8.81 -8.17 -5.16
C ASN B 203 -9.23 -7.58 -3.81
N THR B 204 -9.43 -8.45 -2.83
CA THR B 204 -9.68 -8.01 -1.45
C THR B 204 -8.57 -7.09 -0.97
N ARG B 205 -8.94 -5.95 -0.41
CA ARG B 205 -7.97 -5.10 0.32
C ARG B 205 -7.68 -5.76 1.65
N ILE B 206 -6.49 -6.33 1.83
CA ILE B 206 -6.18 -6.92 3.13
C ILE B 206 -5.15 -6.11 3.90
N TRP B 207 -5.29 -6.14 5.22
CA TRP B 207 -4.39 -5.45 6.14
C TRP B 207 -3.95 -6.47 7.17
N VAL B 208 -2.67 -6.82 7.16
CA VAL B 208 -2.16 -7.88 7.99
C VAL B 208 -1.14 -7.34 8.99
N TYR B 209 -1.41 -7.59 10.27
CA TYR B 209 -0.48 -7.23 11.34
C TYR B 209 0.09 -8.52 11.93
N CYS B 210 1.43 -8.56 12.02
CA CYS B 210 2.13 -9.67 12.65
C CYS B 210 2.81 -9.10 13.91
N GLY B 211 2.70 -9.82 15.03
CA GLY B 211 3.30 -9.36 16.27
C GLY B 211 4.53 -10.17 16.62
N ASN B 212 5.30 -9.69 17.59
CA ASN B 212 6.46 -10.40 18.13
C ASN B 212 6.15 -10.91 19.54
N GLY B 213 7.00 -11.78 20.06
CA GLY B 213 6.85 -12.23 21.43
C GLY B 213 5.92 -13.41 21.55
N THR B 214 5.58 -13.80 22.77
CA THR B 214 4.75 -14.98 22.92
C THR B 214 3.30 -14.63 22.59
N PRO B 215 2.61 -15.53 21.86
CA PRO B 215 1.27 -15.26 21.33
C PRO B 215 0.24 -14.96 22.41
N SER B 216 -0.85 -14.29 22.05
CA SER B 216 -1.89 -13.90 23.00
C SER B 216 -3.28 -14.29 22.51
N ASP B 217 -4.22 -14.40 23.46
CA ASP B 217 -5.40 -15.23 23.27
C ASP B 217 -4.79 -16.52 22.71
N LEU B 218 -4.10 -17.25 23.59
CA LEU B 218 -2.81 -17.89 23.26
C LEU B 218 -2.64 -19.41 23.40
N GLY B 219 -1.37 -19.85 23.31
CA GLY B 219 -0.99 -21.25 23.20
C GLY B 219 -0.46 -22.03 24.42
N GLY B 220 -0.78 -23.33 24.45
CA GLY B 220 -0.73 -24.21 25.62
C GLY B 220 0.52 -24.39 26.48
N ASP B 221 0.33 -24.98 27.67
CA ASP B 221 1.35 -24.94 28.73
C ASP B 221 2.40 -26.07 28.74
N ASN B 222 2.22 -27.10 27.91
CA ASN B 222 3.31 -28.03 27.66
C ASN B 222 4.37 -27.40 26.75
N ILE B 223 3.94 -26.41 25.99
CA ILE B 223 4.68 -26.01 24.81
C ILE B 223 5.61 -24.81 25.06
N PRO B 224 6.91 -24.99 24.74
CA PRO B 224 7.93 -23.95 24.92
C PRO B 224 7.60 -22.68 24.13
N ALA B 225 7.81 -21.53 24.77
CA ALA B 225 7.49 -20.25 24.13
C ALA B 225 8.27 -20.05 22.84
N LYS B 226 9.55 -20.42 22.85
CA LYS B 226 10.38 -20.22 21.69
C LYS B 226 9.92 -21.06 20.50
N PHE B 227 9.40 -22.26 20.77
CA PHE B 227 8.84 -23.10 19.71
C PHE B 227 7.67 -22.40 19.03
N LEU B 228 6.76 -21.86 19.83
CA LEU B 228 5.56 -21.19 19.33
C LEU B 228 5.88 -19.90 18.59
N GLU B 229 6.84 -19.14 19.12
CA GLU B 229 7.25 -17.90 18.47
C GLU B 229 7.84 -18.21 17.10
N GLY B 230 8.70 -19.24 17.03
CA GLY B 230 9.31 -19.62 15.76
C GLY B 230 8.29 -20.02 14.72
N LEU B 231 7.30 -20.82 15.14
CA LEU B 231 6.26 -21.28 14.24
C LEU B 231 5.39 -20.14 13.72
N THR B 232 5.05 -19.22 14.62
CA THR B 232 4.24 -18.05 14.26
C THR B 232 4.96 -17.17 13.23
N LEU B 233 6.23 -16.86 13.48
CA LEU B 233 7.03 -16.07 12.53
C LEU B 233 7.09 -16.73 11.15
N ARG B 234 7.43 -18.01 11.13
CA ARG B 234 7.54 -18.76 9.88
C ARG B 234 6.22 -18.80 9.11
N THR B 235 5.13 -19.06 9.81
CA THR B 235 3.81 -19.07 9.19
C THR B 235 3.45 -17.70 8.62
N ASN B 236 3.73 -16.63 9.37
CA ASN B 236 3.47 -15.27 8.88
C ASN B 236 4.31 -14.93 7.64
N GLN B 237 5.58 -15.29 7.65
CA GLN B 237 6.45 -15.05 6.48
C GLN B 237 5.90 -15.74 5.25
N THR B 238 5.48 -16.98 5.47
CA THR B 238 4.98 -17.83 4.41
C THR B 238 3.71 -17.21 3.83
N PHE B 239 2.83 -16.72 4.70
CA PHE B 239 1.60 -16.10 4.21
C PHE B 239 1.92 -14.88 3.35
N ARG B 240 2.79 -14.01 3.84
CA ARG B 240 3.13 -12.81 3.07
C ARG B 240 3.78 -13.20 1.73
N ASP B 241 4.73 -14.13 1.77
CA ASP B 241 5.42 -14.55 0.56
C ASP B 241 4.48 -15.24 -0.44
N THR B 242 3.54 -16.04 0.07
CA THR B 242 2.61 -16.75 -0.78
C THR B 242 1.61 -15.81 -1.40
N TYR B 243 1.19 -14.81 -0.63
CA TYR B 243 0.26 -13.81 -1.16
C TYR B 243 0.86 -13.12 -2.38
N ALA B 244 2.11 -12.70 -2.25
CA ALA B 244 2.82 -12.05 -3.37
C ALA B 244 3.05 -13.03 -4.53
N ALA B 245 3.49 -14.25 -4.21
CA ALA B 245 3.75 -15.25 -5.24
C ALA B 245 2.50 -15.62 -6.03
N ASP B 246 1.34 -15.52 -5.40
CA ASP B 246 0.08 -15.87 -6.05
C ASP B 246 -0.57 -14.72 -6.82
N GLY B 247 0.14 -13.59 -6.93
CA GLY B 247 -0.36 -12.46 -7.70
C GLY B 247 -1.07 -11.41 -6.89
N GLY B 248 -0.98 -11.51 -5.57
CA GLY B 248 -1.63 -10.56 -4.70
C GLY B 248 -0.89 -9.22 -4.68
N ARG B 249 -1.62 -8.14 -4.90
CA ARG B 249 -1.02 -6.81 -4.91
C ARG B 249 -1.85 -5.78 -4.14
N ASN B 250 -2.83 -6.22 -3.36
CA ASN B 250 -3.68 -5.27 -2.64
C ASN B 250 -3.58 -5.46 -1.13
N GLY B 251 -2.40 -5.85 -0.67
CA GLY B 251 -2.21 -6.20 0.73
C GLY B 251 -1.22 -5.30 1.47
N VAL B 252 -1.68 -4.76 2.59
CA VAL B 252 -0.83 -3.96 3.48
C VAL B 252 -0.33 -4.82 4.62
N PHE B 253 1.00 -4.94 4.75
CA PHE B 253 1.56 -5.76 5.81
C PHE B 253 2.31 -4.90 6.82
N ASN B 254 2.12 -5.18 8.09
CA ASN B 254 2.75 -4.40 9.13
C ASN B 254 3.43 -5.30 10.16
N PHE B 255 4.73 -5.13 10.29
CA PHE B 255 5.53 -5.94 11.22
C PHE B 255 6.48 -5.05 12.00
N PRO B 256 5.93 -4.15 12.85
CA PRO B 256 6.81 -3.26 13.62
C PRO B 256 7.70 -4.06 14.58
N PRO B 257 8.98 -3.68 14.68
CA PRO B 257 9.94 -4.44 15.50
C PRO B 257 9.51 -4.46 16.97
N ASN B 258 8.83 -3.42 17.41
CA ASN B 258 8.37 -3.35 18.80
C ASN B 258 7.02 -4.04 19.07
N GLY B 259 6.29 -4.38 18.02
CA GLY B 259 4.92 -4.86 18.16
C GLY B 259 4.75 -6.18 18.89
N THR B 260 3.78 -6.25 19.80
CA THR B 260 3.45 -7.49 20.47
C THR B 260 2.01 -7.93 20.15
N HIS B 261 1.65 -9.12 20.61
CA HIS B 261 0.27 -9.58 20.47
C HIS B 261 -0.55 -9.07 21.64
N SER B 262 -0.99 -7.82 21.56
CA SER B 262 -1.65 -7.20 22.71
C SER B 262 -2.59 -6.08 22.25
N TRP B 263 -3.60 -5.79 23.06
CA TRP B 263 -4.59 -4.78 22.71
C TRP B 263 -4.02 -3.39 22.36
N PRO B 264 -2.97 -2.92 23.07
CA PRO B 264 -2.43 -1.61 22.65
C PRO B 264 -1.92 -1.57 21.20
N TYR B 265 -1.29 -2.64 20.74
CA TYR B 265 -0.81 -2.65 19.36
C TYR B 265 -1.94 -2.95 18.37
N TRP B 266 -2.90 -3.77 18.78
CA TRP B 266 -4.09 -4.03 17.94
C TRP B 266 -4.89 -2.74 17.75
N ASN B 267 -5.06 -1.97 18.82
CA ASN B 267 -5.73 -0.68 18.71
C ASN B 267 -4.93 0.30 17.83
N GLU B 268 -3.62 0.28 17.95
CA GLU B 268 -2.77 1.16 17.13
C GLU B 268 -2.96 0.84 15.66
N GLN B 269 -3.14 -0.44 15.35
CA GLN B 269 -3.41 -0.84 13.97
C GLN B 269 -4.80 -0.36 13.52
N LEU B 270 -5.80 -0.50 14.38
CA LEU B 270 -7.15 -0.03 14.07
C LEU B 270 -7.15 1.47 13.75
N VAL B 271 -6.41 2.25 14.52
CA VAL B 271 -6.29 3.69 14.26
C VAL B 271 -5.56 3.90 12.94
N ALA B 272 -4.49 3.13 12.72
CA ALA B 272 -3.64 3.31 11.54
C ALA B 272 -4.38 3.03 10.24
N MET B 273 -5.35 2.11 10.28
CA MET B 273 -6.08 1.71 9.08
C MET B 273 -7.36 2.54 8.82
N LYS B 274 -7.69 3.45 9.73
CA LYS B 274 -8.97 4.17 9.61
C LYS B 274 -9.11 4.92 8.28
N ALA B 275 -8.11 5.69 7.90
CA ALA B 275 -8.19 6.46 6.65
C ALA B 275 -8.21 5.50 5.46
N ASP B 276 -7.47 4.41 5.56
CA ASP B 276 -7.47 3.39 4.54
C ASP B 276 -8.90 2.86 4.31
N ILE B 277 -9.56 2.48 5.40
CA ILE B 277 -10.93 1.98 5.32
C ILE B 277 -11.90 3.04 4.78
N GLN B 278 -11.75 4.29 5.25
CA GLN B 278 -12.63 5.37 4.79
C GLN B 278 -12.53 5.50 3.27
N HIS B 279 -11.31 5.42 2.75
CA HIS B 279 -11.14 5.53 1.31
C HIS B 279 -11.74 4.34 0.55
N VAL B 280 -11.42 3.12 0.99
CA VAL B 280 -11.92 1.95 0.28
C VAL B 280 -13.44 1.87 0.33
N LEU B 281 -14.03 2.12 1.50
CA LEU B 281 -15.49 1.93 1.64
C LEU B 281 -16.31 3.13 1.21
N ASN B 282 -15.84 4.35 1.49
CA ASN B 282 -16.61 5.57 1.21
C ASN B 282 -16.10 6.39 0.03
N GLY B 283 -14.92 6.07 -0.48
CA GLY B 283 -14.37 6.81 -1.61
C GLY B 283 -13.32 7.83 -1.22
C10 6Y3 C . 24.42 24.55 -5.88
SE07 6Y3 C . 23.40 23.01 -9.65
C08 6Y3 C . 24.34 23.96 -8.21
C09 6Y3 C . 23.81 23.89 -6.93
C11 6Y3 C . 25.59 25.28 -6.10
C12 6Y3 C . 26.13 25.36 -7.38
C13 6Y3 C . 25.51 24.70 -8.44
C14 6Y3 C . 26.14 24.79 -9.84
N15 6Y3 C . 27.19 25.77 -10.12
C16 6Y3 C . 27.84 25.89 -11.43
C17 6Y3 C . 27.26 25.42 -12.59
C18 6Y3 C . 27.91 25.55 -13.82
C19 6Y3 C . 29.15 26.17 -13.90
N20 6Y3 C . 29.81 26.31 -15.20
C21 6Y3 C . 29.73 26.64 -12.73
C22 6Y3 C . 29.09 26.51 -11.50
O23 6Y3 C . 25.79 24.03 -10.68
C10 6Y3 D . 7.04 -11.91 8.76
SE07 6Y3 D . 3.79 -9.26 8.49
C08 6Y3 D . 5.57 -10.07 8.26
C09 6Y3 D . 5.80 -11.30 8.88
C11 6Y3 D . 8.05 -11.30 8.03
C12 6Y3 D . 7.81 -10.07 7.42
C13 6Y3 D . 6.58 -9.46 7.55
C14 6Y3 D . 6.35 -8.10 6.86
N15 6Y3 D . 7.48 -7.34 6.37
C16 6Y3 D . 7.36 -6.05 5.71
C17 6Y3 D . 6.22 -5.25 5.86
C18 6Y3 D . 6.13 -4.02 5.21
C19 6Y3 D . 7.16 -3.57 4.42
N20 6Y3 D . 7.05 -2.27 3.76
C21 6Y3 D . 8.30 -4.35 4.28
C22 6Y3 D . 8.40 -5.59 4.91
O23 6Y3 D . 5.24 -7.71 6.71
#